data_1TY8
#
_entry.id   1TY8
#
_cell.length_a   107.948
_cell.length_b   38.054
_cell.length_c   63.137
_cell.angle_alpha   90.00
_cell.angle_beta   111.75
_cell.angle_gamma   90.00
#
_symmetry.space_group_name_H-M   'C 1 2 1'
#
loop_
_entity.id
_entity.type
_entity.pdbx_description
1 polymer 'Hypothetical 32.1 kDa protein in ADH3-RCA1 intergenic region'
2 non-polymer 'SODIUM ION'
3 non-polymer 'CHLORIDE ION'
4 non-polymer "ADENOSINE-5'-DIPHOSPHATE"
5 water water
#
_entity_poly.entity_id   1
_entity_poly.type   'polypeptide(L)'
_entity_poly.pdbx_seq_one_letter_code
;MTGSLNRHSLLNGVKKMRIILCDTNEVVTNLWQESIPHAYIQNDKYLCIHHGHLQSLMDSMRKGDAIHHGHSYAIVSPGN
SYGYLGGGFDKALYNYFGGKPFETWFRNQLGGRYHTVGSATVVDLQRCLEEKTIECRDGIRYIIHVPTVVAPSAPIFNPQ
NPLKTGFEPVFNAMWNALMHSPKDIDGLIIPGLCTGYAGVPPIISCKSMAFALRLYMAGDHISKELKNVLIMYYLQYPFE
PFFPESCKIECQKLGIDIEMLKSFNVEKDAIELLIPRRILTLDL
;
_entity_poly.pdbx_strand_id   A
#
# COMPACT_ATOMS: atom_id res chain seq x y z
N LYS A 16 -2.34 -4.58 16.09
CA LYS A 16 -1.05 -5.06 16.65
C LYS A 16 0.13 -4.48 15.86
N MET A 17 0.00 -4.46 14.54
CA MET A 17 1.05 -3.92 13.68
C MET A 17 0.79 -2.44 13.45
N ARG A 18 1.80 -1.61 13.69
CA ARG A 18 1.65 -0.17 13.50
C ARG A 18 1.93 0.18 12.05
N ILE A 19 0.98 0.86 11.42
CA ILE A 19 1.15 1.27 10.03
C ILE A 19 1.60 2.73 10.01
N ILE A 20 2.73 3.00 9.37
CA ILE A 20 3.22 4.37 9.29
C ILE A 20 3.21 4.87 7.85
N LEU A 21 2.33 5.83 7.56
CA LEU A 21 2.25 6.39 6.22
C LEU A 21 3.21 7.58 6.18
N CYS A 22 4.10 7.58 5.21
CA CYS A 22 5.10 8.66 5.11
C CYS A 22 5.19 9.23 3.71
N ASP A 23 5.19 10.55 3.59
CA ASP A 23 5.30 11.19 2.29
C ASP A 23 5.68 12.66 2.44
N THR A 24 6.42 13.19 1.48
CA THR A 24 6.84 14.58 1.51
C THR A 24 5.77 15.50 0.93
N ASN A 25 4.86 14.92 0.15
CA ASN A 25 3.79 15.67 -0.49
C ASN A 25 2.63 15.92 0.47
N GLU A 26 2.41 17.21 0.81
CA GLU A 26 1.33 17.59 1.73
C GLU A 26 -0.04 17.16 1.24
N VAL A 27 -0.23 17.17 -0.08
CA VAL A 27 -1.50 16.77 -0.67
C VAL A 27 -1.82 15.32 -0.29
N VAL A 28 -0.80 14.48 -0.34
CA VAL A 28 -0.96 13.07 0.00
C VAL A 28 -1.23 12.90 1.50
N THR A 29 -0.44 13.53 2.35
CA THR A 29 -0.63 13.39 3.79
C THR A 29 -1.95 13.97 4.27
N ASN A 30 -2.35 15.12 3.73
CA ASN A 30 -3.61 15.73 4.13
C ASN A 30 -4.76 14.78 3.78
N LEU A 31 -4.73 14.25 2.56
CA LEU A 31 -5.77 13.32 2.13
C LEU A 31 -5.80 12.06 3.00
N TRP A 32 -4.62 11.59 3.41
CA TRP A 32 -4.56 10.42 4.27
C TRP A 32 -5.27 10.73 5.60
N GLN A 33 -4.92 11.87 6.19
CA GLN A 33 -5.54 12.29 7.45
C GLN A 33 -7.05 12.36 7.30
N GLU A 34 -7.51 12.99 6.22
CA GLU A 34 -8.93 13.15 5.95
C GLU A 34 -9.69 11.86 5.67
N SER A 35 -8.99 10.81 5.25
CA SER A 35 -9.66 9.55 4.92
C SER A 35 -9.40 8.35 5.81
N ILE A 36 -8.50 8.50 6.79
CA ILE A 36 -8.18 7.39 7.68
C ILE A 36 -8.66 7.66 9.11
N PRO A 37 -9.52 6.77 9.65
CA PRO A 37 -10.06 6.93 11.01
C PRO A 37 -8.98 7.20 12.05
N LYS A 45 -1.25 5.64 17.69
CA LYS A 45 -1.95 4.39 17.93
C LYS A 45 -1.52 3.28 16.98
N TYR A 46 -2.46 2.70 16.26
CA TYR A 46 -2.15 1.62 15.33
C TYR A 46 -1.73 2.18 13.97
N LEU A 47 -1.94 3.48 13.75
CA LEU A 47 -1.58 4.11 12.49
C LEU A 47 -1.00 5.50 12.73
N CYS A 48 0.07 5.83 12.01
CA CYS A 48 0.74 7.12 12.13
C CYS A 48 0.99 7.72 10.75
N ILE A 49 0.93 9.04 10.67
CA ILE A 49 1.17 9.74 9.40
C ILE A 49 2.29 10.76 9.55
N HIS A 50 3.33 10.61 8.75
CA HIS A 50 4.46 11.52 8.79
C HIS A 50 4.60 12.33 7.51
N HIS A 51 4.43 13.64 7.62
CA HIS A 51 4.59 14.49 6.46
C HIS A 51 6.04 14.92 6.43
N GLY A 52 6.81 14.31 5.55
CA GLY A 52 8.22 14.64 5.45
C GLY A 52 9.02 13.55 4.79
N HIS A 53 10.34 13.73 4.77
CA HIS A 53 11.25 12.77 4.18
C HIS A 53 11.39 11.53 5.04
N LEU A 54 11.69 10.42 4.38
CA LEU A 54 11.88 9.15 5.07
C LEU A 54 12.97 9.29 6.13
N GLN A 55 14.01 10.07 5.80
CA GLN A 55 15.11 10.25 6.73
C GLN A 55 14.69 10.95 8.01
N SER A 56 13.80 11.94 7.89
CA SER A 56 13.34 12.65 9.08
C SER A 56 12.51 11.71 9.94
N LEU A 57 11.79 10.80 9.30
CA LEU A 57 10.99 9.82 10.02
C LEU A 57 11.90 8.86 10.77
N MET A 58 12.96 8.41 10.11
CA MET A 58 13.91 7.50 10.72
C MET A 58 14.67 8.17 11.87
N ASP A 59 14.91 9.48 11.75
CA ASP A 59 15.61 10.21 12.79
C ASP A 59 14.77 10.23 14.06
N SER A 60 13.54 10.72 13.93
CA SER A 60 12.63 10.81 15.08
C SER A 60 12.24 9.42 15.58
N MET A 61 12.59 8.41 14.79
CA MET A 61 12.26 7.03 15.14
C MET A 61 13.29 6.48 16.12
N ARG A 62 14.14 7.35 16.63
CA ARG A 62 15.19 6.96 17.59
C ARG A 62 14.97 7.56 18.97
N LYS A 63 13.89 8.31 19.15
CA LYS A 63 13.61 8.93 20.45
C LYS A 63 12.67 8.08 21.30
N GLY A 64 11.98 7.14 20.63
CA GLY A 64 11.08 6.27 21.34
C GLY A 64 11.71 4.93 21.69
N ASP A 65 12.90 4.68 21.14
CA ASP A 65 13.60 3.43 21.41
C ASP A 65 14.95 3.69 22.07
N ALA A 66 15.12 3.16 23.28
CA ALA A 66 16.37 3.33 24.01
C ALA A 66 16.56 2.22 25.03
N HIS A 71 12.22 -2.90 18.18
CA HIS A 71 11.23 -2.99 17.11
C HIS A 71 11.87 -3.39 15.78
N SER A 72 11.09 -4.09 14.97
CA SER A 72 11.53 -4.50 13.64
C SER A 72 10.50 -3.93 12.67
N TYR A 73 10.96 -3.36 11.57
CA TYR A 73 10.05 -2.76 10.60
C TYR A 73 10.28 -3.28 9.19
N ALA A 74 9.28 -3.02 8.35
CA ALA A 74 9.34 -3.37 6.94
C ALA A 74 8.97 -2.05 6.27
N ILE A 75 9.55 -1.79 5.11
CA ILE A 75 9.26 -0.57 4.40
C ILE A 75 8.85 -0.92 2.99
N VAL A 76 7.80 -0.27 2.49
CA VAL A 76 7.31 -0.54 1.15
C VAL A 76 8.04 0.30 0.12
N SER A 77 8.49 -0.36 -0.92
CA SER A 77 9.20 0.30 -2.01
C SER A 77 8.33 0.32 -3.27
N PRO A 78 7.82 1.50 -3.64
CA PRO A 78 7.00 1.56 -4.85
C PRO A 78 8.04 1.66 -5.96
N GLY A 79 8.47 0.52 -6.48
CA GLY A 79 9.52 0.54 -7.49
C GLY A 79 9.15 0.22 -8.91
N ASN A 80 10.16 -0.24 -9.65
CA ASN A 80 10.00 -0.62 -11.04
C ASN A 80 10.21 -2.14 -11.14
N SER A 81 9.81 -2.70 -12.28
CA SER A 81 9.92 -4.15 -12.52
C SER A 81 11.33 -4.72 -12.53
N TYR A 82 12.34 -3.86 -12.54
CA TYR A 82 13.73 -4.32 -12.57
C TYR A 82 14.51 -4.17 -11.28
N GLY A 83 13.91 -3.53 -10.28
CA GLY A 83 14.58 -3.40 -9.00
C GLY A 83 15.55 -2.26 -8.83
N TYR A 84 15.64 -1.36 -9.81
CA TYR A 84 16.52 -0.22 -9.72
C TYR A 84 15.93 0.77 -8.71
N LEU A 85 16.80 1.39 -7.93
CA LEU A 85 16.39 2.36 -6.91
C LEU A 85 16.96 3.73 -7.25
N GLY A 86 16.58 4.28 -8.40
CA GLY A 86 17.14 5.55 -8.81
C GLY A 86 16.30 6.81 -8.70
N GLY A 87 15.03 6.69 -8.31
CA GLY A 87 14.21 7.88 -8.20
C GLY A 87 13.11 7.77 -7.16
N GLY A 88 12.53 8.91 -6.80
CA GLY A 88 11.45 8.93 -5.82
C GLY A 88 11.80 8.33 -4.47
N PHE A 89 10.82 7.66 -3.87
CA PHE A 89 11.00 7.04 -2.56
C PHE A 89 12.20 6.09 -2.59
N ASP A 90 12.30 5.30 -3.66
CA ASP A 90 13.40 4.35 -3.81
C ASP A 90 14.78 5.02 -3.69
N LYS A 91 14.87 6.28 -4.09
CA LYS A 91 16.15 6.98 -3.99
C LYS A 91 16.52 7.15 -2.52
N ALA A 92 15.50 7.37 -1.68
CA ALA A 92 15.73 7.53 -0.25
C ALA A 92 16.36 6.25 0.28
N LEU A 93 15.75 5.12 -0.09
CA LEU A 93 16.24 3.81 0.33
C LEU A 93 17.67 3.61 -0.20
N TYR A 94 17.90 3.99 -1.44
CA TYR A 94 19.20 3.87 -2.07
C TYR A 94 20.29 4.55 -1.22
N ASN A 95 20.08 5.82 -0.91
CA ASN A 95 21.05 6.55 -0.11
C ASN A 95 21.17 6.01 1.31
N TYR A 96 20.04 5.70 1.92
CA TYR A 96 20.00 5.22 3.29
C TYR A 96 20.69 3.87 3.54
N PHE A 97 20.51 2.91 2.64
CA PHE A 97 21.08 1.58 2.83
C PHE A 97 22.45 1.25 2.25
N GLY A 98 23.08 2.18 1.54
CA GLY A 98 24.40 1.87 1.01
C GLY A 98 24.73 2.26 -0.43
N GLY A 99 23.80 2.88 -1.13
CA GLY A 99 24.06 3.29 -2.49
C GLY A 99 24.17 2.19 -3.54
N LYS A 100 24.99 2.44 -4.55
CA LYS A 100 25.20 1.50 -5.65
C LYS A 100 25.46 0.06 -5.23
N PRO A 101 26.39 -0.17 -4.28
CA PRO A 101 26.65 -1.55 -3.85
C PRO A 101 25.40 -2.21 -3.26
N PHE A 102 24.59 -1.41 -2.57
CA PHE A 102 23.36 -1.94 -1.98
C PHE A 102 22.38 -2.29 -3.09
N GLU A 103 22.23 -1.38 -4.05
CA GLU A 103 21.30 -1.60 -5.16
C GLU A 103 21.67 -2.87 -5.91
N THR A 104 22.97 -3.06 -6.12
CA THR A 104 23.44 -4.25 -6.82
C THR A 104 23.04 -5.49 -6.03
N TRP A 105 23.24 -5.45 -4.71
CA TRP A 105 22.89 -6.57 -3.83
C TRP A 105 21.37 -6.78 -3.85
N PHE A 106 20.64 -5.68 -3.74
CA PHE A 106 19.18 -5.67 -3.72
C PHE A 106 18.60 -6.32 -4.97
N ARG A 107 19.04 -5.87 -6.14
CA ARG A 107 18.53 -6.43 -7.39
C ARG A 107 18.78 -7.92 -7.50
N ASN A 108 19.90 -8.40 -6.96
CA ASN A 108 20.17 -9.83 -7.01
C ASN A 108 19.30 -10.60 -6.03
N GLN A 109 18.92 -9.95 -4.92
CA GLN A 109 18.05 -10.60 -3.94
C GLN A 109 16.69 -10.79 -4.61
N LEU A 110 16.33 -9.86 -5.49
CA LEU A 110 15.07 -9.93 -6.20
C LEU A 110 15.11 -10.96 -7.34
N GLY A 111 16.25 -11.62 -7.48
CA GLY A 111 16.39 -12.62 -8.53
C GLY A 111 16.99 -12.06 -9.82
N GLY A 112 17.20 -10.76 -9.85
CA GLY A 112 17.79 -10.10 -11.01
C GLY A 112 16.95 -10.08 -12.28
N ARG A 113 15.69 -10.47 -12.21
CA ARG A 113 14.88 -10.46 -13.41
C ARG A 113 13.57 -9.69 -13.30
N TYR A 114 12.95 -9.46 -14.44
CA TYR A 114 11.68 -8.75 -14.54
C TYR A 114 10.62 -9.28 -13.58
N HIS A 115 10.05 -8.39 -12.79
CA HIS A 115 8.96 -8.73 -11.86
C HIS A 115 7.77 -7.89 -12.31
N THR A 116 6.64 -8.53 -12.52
CA THR A 116 5.45 -7.85 -13.00
C THR A 116 4.79 -6.88 -12.03
N VAL A 117 4.16 -5.86 -12.59
CA VAL A 117 3.42 -4.92 -11.77
C VAL A 117 2.25 -5.82 -11.33
N GLY A 118 1.92 -5.78 -10.05
CA GLY A 118 0.85 -6.64 -9.56
C GLY A 118 1.44 -7.78 -8.74
N SER A 119 2.75 -7.73 -8.54
CA SER A 119 3.44 -8.75 -7.76
C SER A 119 4.19 -8.02 -6.65
N ALA A 120 4.66 -8.78 -5.66
CA ALA A 120 5.42 -8.19 -4.57
C ALA A 120 6.47 -9.21 -4.12
N THR A 121 7.66 -8.71 -3.80
CA THR A 121 8.75 -9.57 -3.38
C THR A 121 9.41 -8.99 -2.13
N VAL A 122 9.60 -9.82 -1.11
CA VAL A 122 10.20 -9.36 0.13
C VAL A 122 11.71 -9.60 0.17
N VAL A 123 12.46 -8.55 0.47
CA VAL A 123 13.91 -8.65 0.59
C VAL A 123 14.22 -8.55 2.08
N ASP A 124 14.92 -9.54 2.60
CA ASP A 124 15.29 -9.57 4.01
C ASP A 124 16.68 -8.98 4.16
N LEU A 125 16.76 -7.83 4.82
CA LEU A 125 18.03 -7.15 5.04
C LEU A 125 18.88 -7.81 6.14
N GLN A 126 18.30 -8.79 6.83
CA GLN A 126 18.99 -9.48 7.92
C GLN A 126 20.33 -10.01 7.45
N ARG A 127 20.39 -10.37 6.17
CA ARG A 127 21.61 -10.90 5.56
C ARG A 127 22.72 -9.86 5.52
N CYS A 128 22.48 -8.71 6.16
CA CYS A 128 23.45 -7.63 6.21
C CYS A 128 24.65 -8.01 7.08
N LEU A 129 24.59 -9.21 7.65
CA LEU A 129 25.66 -9.72 8.51
C LEU A 129 26.57 -10.67 7.76
N GLU A 130 26.87 -10.32 6.50
CA GLU A 130 27.74 -11.14 5.65
C GLU A 130 27.29 -12.60 5.62
N GLU A 135 25.94 -3.93 6.47
CA GLU A 135 25.17 -2.87 5.83
C GLU A 135 23.80 -2.72 6.48
N CYS A 136 23.68 -3.19 7.72
CA CYS A 136 22.42 -3.10 8.46
C CYS A 136 22.07 -1.63 8.72
N ARG A 137 20.85 -1.36 9.16
CA ARG A 137 20.44 0.03 9.40
C ARG A 137 19.17 0.18 10.24
N ASP A 138 19.26 0.99 11.29
CA ASP A 138 18.11 1.26 12.16
C ASP A 138 17.41 0.00 12.65
N GLY A 139 16.10 -0.08 12.40
CA GLY A 139 15.33 -1.22 12.82
C GLY A 139 14.59 -1.86 11.65
N ILE A 140 14.91 -1.39 10.45
CA ILE A 140 14.27 -1.91 9.24
C ILE A 140 14.89 -3.24 8.84
N ARG A 141 14.13 -4.32 8.90
CA ARG A 141 14.67 -5.60 8.51
C ARG A 141 14.23 -6.03 7.12
N TYR A 142 13.09 -5.52 6.66
CA TYR A 142 12.58 -5.89 5.36
C TYR A 142 12.21 -4.74 4.45
N ILE A 143 12.32 -5.01 3.15
CA ILE A 143 11.91 -4.06 2.15
C ILE A 143 10.91 -4.84 1.31
N ILE A 144 9.67 -4.38 1.30
CA ILE A 144 8.65 -5.05 0.53
C ILE A 144 8.63 -4.34 -0.83
N HIS A 145 9.25 -4.96 -1.81
CA HIS A 145 9.36 -4.39 -3.14
C HIS A 145 8.10 -4.66 -3.98
N VAL A 146 7.40 -3.57 -4.29
CA VAL A 146 6.17 -3.62 -5.07
C VAL A 146 6.32 -2.80 -6.34
N PRO A 147 6.52 -3.47 -7.48
CA PRO A 147 6.67 -2.74 -8.74
C PRO A 147 5.39 -1.97 -9.08
N THR A 148 5.49 -0.65 -9.22
CA THR A 148 4.33 0.17 -9.57
C THR A 148 4.41 0.60 -11.04
N VAL A 149 5.60 0.49 -11.62
CA VAL A 149 5.83 0.82 -13.02
C VAL A 149 6.85 -0.18 -13.59
N VAL A 150 6.78 -0.43 -14.89
CA VAL A 150 7.73 -1.33 -15.52
C VAL A 150 9.04 -0.57 -15.53
N ALA A 151 8.96 0.70 -15.92
CA ALA A 151 10.10 1.60 -15.98
C ALA A 151 9.53 3.01 -15.88
N PRO A 152 10.28 3.95 -15.28
CA PRO A 152 9.80 5.33 -15.15
C PRO A 152 9.95 6.17 -16.41
N SER A 153 9.76 5.55 -17.57
CA SER A 153 9.87 6.26 -18.84
C SER A 153 8.67 7.17 -19.08
N ALA A 154 7.62 6.95 -18.29
CA ALA A 154 6.39 7.74 -18.42
C ALA A 154 5.43 7.35 -17.30
N PRO A 155 4.40 8.18 -17.05
CA PRO A 155 3.42 7.89 -16.00
C PRO A 155 2.50 6.76 -16.44
N ILE A 156 1.93 6.04 -15.48
CA ILE A 156 1.01 4.94 -15.82
C ILE A 156 -0.41 5.48 -15.95
N PHE A 157 -0.68 6.59 -15.28
CA PHE A 157 -2.01 7.18 -15.27
C PHE A 157 -2.50 7.78 -16.58
N ASN A 158 -3.79 7.61 -16.83
CA ASN A 158 -4.45 8.15 -18.01
C ASN A 158 -5.83 8.61 -17.54
N PRO A 159 -6.09 9.93 -17.58
CA PRO A 159 -7.37 10.47 -17.14
C PRO A 159 -8.58 9.86 -17.85
N GLN A 160 -8.35 9.29 -19.04
CA GLN A 160 -9.44 8.67 -19.78
C GLN A 160 -10.01 7.47 -19.02
N ASN A 161 -9.17 6.76 -18.27
CA ASN A 161 -9.66 5.65 -17.46
C ASN A 161 -8.92 5.67 -16.15
N PRO A 162 -9.40 6.49 -15.21
CA PRO A 162 -8.82 6.65 -13.88
C PRO A 162 -8.93 5.39 -13.04
N LEU A 163 -9.80 4.48 -13.46
CA LEU A 163 -10.00 3.23 -12.74
C LEU A 163 -8.92 2.21 -13.08
N LYS A 164 -8.75 1.94 -14.37
CA LYS A 164 -7.76 0.96 -14.83
C LYS A 164 -6.31 1.42 -14.64
N THR A 165 -6.09 2.73 -14.68
CA THR A 165 -4.74 3.26 -14.53
C THR A 165 -4.52 4.04 -13.23
N GLY A 166 -5.50 4.00 -12.33
CA GLY A 166 -5.38 4.72 -11.08
C GLY A 166 -5.88 3.96 -9.86
N PHE A 167 -7.19 3.91 -9.68
CA PHE A 167 -7.78 3.23 -8.53
C PHE A 167 -7.36 1.78 -8.41
N GLU A 168 -7.44 1.02 -9.51
CA GLU A 168 -7.08 -0.39 -9.49
C GLU A 168 -5.59 -0.67 -9.19
N PRO A 169 -4.67 -0.08 -9.97
CA PRO A 169 -3.25 -0.33 -9.69
C PRO A 169 -2.83 0.09 -8.29
N VAL A 170 -3.39 1.19 -7.79
CA VAL A 170 -3.02 1.62 -6.45
C VAL A 170 -3.56 0.61 -5.42
N PHE A 171 -4.81 0.20 -5.57
CA PHE A 171 -5.35 -0.77 -4.61
C PHE A 171 -4.49 -2.03 -4.59
N ASN A 172 -4.17 -2.52 -5.79
CA ASN A 172 -3.37 -3.73 -5.94
C ASN A 172 -2.01 -3.62 -5.23
N ALA A 173 -1.37 -2.45 -5.33
CA ALA A 173 -0.07 -2.25 -4.69
C ALA A 173 -0.17 -2.24 -3.16
N MET A 174 -1.20 -1.57 -2.65
CA MET A 174 -1.41 -1.49 -1.20
C MET A 174 -1.79 -2.87 -0.66
N TRP A 175 -2.69 -3.55 -1.37
CA TRP A 175 -3.13 -4.88 -0.98
C TRP A 175 -1.95 -5.84 -0.93
N ASN A 176 -1.12 -5.81 -1.97
CA ASN A 176 0.05 -6.68 -2.03
C ASN A 176 1.05 -6.35 -0.93
N ALA A 177 1.19 -5.07 -0.62
CA ALA A 177 2.11 -4.65 0.44
C ALA A 177 1.66 -5.22 1.78
N LEU A 178 0.38 -5.07 2.06
CA LEU A 178 -0.20 -5.56 3.31
C LEU A 178 -0.15 -7.08 3.40
N MET A 179 -0.52 -7.75 2.31
CA MET A 179 -0.55 -9.20 2.28
C MET A 179 0.84 -9.85 2.40
N HIS A 180 1.86 -9.16 1.91
CA HIS A 180 3.23 -9.68 1.96
C HIS A 180 4.06 -9.22 3.15
N SER A 181 3.47 -8.39 4.00
CA SER A 181 4.18 -7.89 5.17
C SER A 181 4.43 -9.06 6.14
N PRO A 182 5.70 -9.33 6.47
CA PRO A 182 6.02 -10.43 7.39
C PRO A 182 5.25 -10.26 8.70
N LYS A 183 4.72 -11.36 9.22
CA LYS A 183 3.93 -11.32 10.44
C LYS A 183 4.73 -10.99 11.69
N ASP A 184 6.04 -11.03 11.59
CA ASP A 184 6.92 -10.76 12.73
C ASP A 184 7.30 -9.30 12.96
N ILE A 185 7.03 -8.39 12.04
CA ILE A 185 7.43 -7.00 12.27
C ILE A 185 6.50 -6.19 13.17
N ASP A 186 7.07 -5.15 13.77
CA ASP A 186 6.35 -4.25 14.66
C ASP A 186 5.60 -3.18 13.88
N GLY A 187 6.23 -2.71 12.80
CA GLY A 187 5.59 -1.67 12.00
C GLY A 187 5.87 -1.78 10.53
N LEU A 188 5.03 -1.10 9.75
CA LEU A 188 5.13 -1.08 8.29
C LEU A 188 5.14 0.36 7.79
N ILE A 189 6.22 0.74 7.10
CA ILE A 189 6.38 2.08 6.55
C ILE A 189 5.90 2.08 5.10
N ILE A 190 4.96 2.95 4.78
CA ILE A 190 4.41 3.01 3.41
C ILE A 190 4.26 4.45 2.93
N PRO A 191 4.79 4.76 1.74
CA PRO A 191 4.69 6.11 1.18
C PRO A 191 3.48 6.11 0.25
N GLY A 192 3.20 7.24 -0.39
CA GLY A 192 2.10 7.27 -1.33
C GLY A 192 2.46 6.30 -2.44
N LEU A 193 1.49 5.53 -2.91
CA LEU A 193 1.74 4.56 -3.98
C LEU A 193 1.27 5.06 -5.34
N CYS A 194 2.21 5.11 -6.29
CA CYS A 194 1.93 5.56 -7.67
C CYS A 194 1.68 7.06 -7.78
N THR A 195 1.94 7.77 -6.68
CA THR A 195 1.72 9.22 -6.62
C THR A 195 2.92 10.08 -6.98
N GLY A 196 3.99 9.44 -7.43
CA GLY A 196 5.18 10.17 -7.82
C GLY A 196 5.38 10.00 -9.31
N TYR A 197 6.45 9.30 -9.68
CA TYR A 197 6.75 9.06 -11.08
C TYR A 197 5.62 8.35 -11.83
N ALA A 198 4.77 7.60 -11.13
CA ALA A 198 3.67 6.91 -11.78
C ALA A 198 2.59 7.88 -12.27
N GLY A 199 2.54 9.05 -11.64
CA GLY A 199 1.59 10.08 -12.05
C GLY A 199 0.14 9.98 -11.62
N VAL A 200 -0.19 9.04 -10.74
CA VAL A 200 -1.58 8.93 -10.29
C VAL A 200 -1.92 10.06 -9.34
N PRO A 201 -3.04 10.75 -9.57
CA PRO A 201 -3.40 11.86 -8.67
C PRO A 201 -3.57 11.36 -7.24
N PRO A 202 -3.08 12.14 -6.27
CA PRO A 202 -3.20 11.76 -4.86
C PRO A 202 -4.65 11.48 -4.45
N ILE A 203 -5.57 12.24 -5.02
CA ILE A 203 -6.97 12.07 -4.68
C ILE A 203 -7.49 10.69 -5.06
N ILE A 204 -6.89 10.08 -6.07
CA ILE A 204 -7.28 8.74 -6.50
C ILE A 204 -6.52 7.68 -5.69
N SER A 205 -5.20 7.82 -5.67
CA SER A 205 -4.36 6.87 -4.93
C SER A 205 -4.70 6.78 -3.46
N CYS A 206 -4.84 7.93 -2.79
CA CYS A 206 -5.13 7.93 -1.36
C CYS A 206 -6.43 7.21 -1.02
N LYS A 207 -7.40 7.27 -1.92
CA LYS A 207 -8.68 6.60 -1.72
C LYS A 207 -8.50 5.08 -1.78
N SER A 208 -7.73 4.60 -2.77
CA SER A 208 -7.50 3.15 -2.88
C SER A 208 -6.65 2.67 -1.70
N MET A 209 -5.69 3.50 -1.28
CA MET A 209 -4.84 3.15 -0.14
C MET A 209 -5.71 3.04 1.12
N ALA A 210 -6.60 4.01 1.29
CA ALA A 210 -7.51 4.05 2.44
C ALA A 210 -8.43 2.85 2.48
N PHE A 211 -8.97 2.48 1.33
CA PHE A 211 -9.87 1.34 1.26
C PHE A 211 -9.15 0.05 1.67
N ALA A 212 -7.96 -0.15 1.11
CA ALA A 212 -7.17 -1.34 1.43
C ALA A 212 -6.87 -1.39 2.94
N LEU A 213 -6.57 -0.23 3.52
CA LEU A 213 -6.29 -0.14 4.94
C LEU A 213 -7.52 -0.44 5.78
N ARG A 214 -8.65 0.09 5.35
CA ARG A 214 -9.91 -0.10 6.04
C ARG A 214 -10.26 -1.59 6.10
N LEU A 215 -9.99 -2.31 5.01
CA LEU A 215 -10.26 -3.75 4.97
C LEU A 215 -9.34 -4.44 5.98
N TYR A 216 -8.06 -4.06 5.94
CA TYR A 216 -7.05 -4.62 6.85
C TYR A 216 -7.42 -4.33 8.31
N MET A 217 -7.80 -3.09 8.59
CA MET A 217 -8.17 -2.66 9.93
C MET A 217 -9.40 -3.40 10.46
N ALA A 218 -10.30 -3.78 9.56
CA ALA A 218 -11.52 -4.47 9.96
C ALA A 218 -11.20 -5.83 10.59
N GLY A 219 -9.97 -6.30 10.39
CA GLY A 219 -9.57 -7.57 10.96
C GLY A 219 -10.54 -8.68 10.61
N ASP A 220 -10.87 -9.50 11.59
CA ASP A 220 -11.78 -10.61 11.35
C ASP A 220 -13.25 -10.21 11.50
N HIS A 221 -13.50 -8.93 11.66
CA HIS A 221 -14.88 -8.44 11.79
C HIS A 221 -15.66 -8.60 10.49
N ILE A 222 -14.94 -8.83 9.41
CA ILE A 222 -15.55 -9.04 8.09
C ILE A 222 -14.86 -10.28 7.52
N SER A 223 -15.66 -11.27 7.10
CA SER A 223 -15.11 -12.51 6.57
C SER A 223 -14.23 -12.30 5.35
N LYS A 224 -13.33 -13.24 5.10
CA LYS A 224 -12.43 -13.14 3.95
C LYS A 224 -13.24 -13.07 2.67
N GLU A 225 -14.34 -13.82 2.62
CA GLU A 225 -15.15 -13.82 1.42
C GLU A 225 -15.87 -12.50 1.20
N LEU A 226 -16.41 -11.91 2.25
CA LEU A 226 -17.10 -10.63 2.10
C LEU A 226 -16.11 -9.55 1.70
N LYS A 227 -14.91 -9.57 2.27
CA LYS A 227 -13.90 -8.58 1.89
C LYS A 227 -13.63 -8.75 0.39
N ASN A 228 -13.67 -9.98 -0.09
CA ASN A 228 -13.45 -10.23 -1.51
C ASN A 228 -14.51 -9.51 -2.34
N VAL A 229 -15.76 -9.63 -1.91
CA VAL A 229 -16.89 -9.01 -2.60
C VAL A 229 -16.79 -7.49 -2.58
N LEU A 230 -16.41 -6.94 -1.43
CA LEU A 230 -16.27 -5.49 -1.31
C LEU A 230 -15.21 -4.99 -2.28
N ILE A 231 -14.13 -5.76 -2.42
CA ILE A 231 -13.04 -5.40 -3.33
C ILE A 231 -13.56 -5.45 -4.76
N MET A 232 -14.32 -6.50 -5.06
CA MET A 232 -14.86 -6.70 -6.39
C MET A 232 -15.76 -5.54 -6.83
N TYR A 233 -16.61 -5.07 -5.93
CA TYR A 233 -17.49 -3.96 -6.26
C TYR A 233 -16.79 -2.62 -6.21
N TYR A 234 -15.81 -2.49 -5.32
CA TYR A 234 -15.02 -1.27 -5.21
C TYR A 234 -14.30 -1.03 -6.54
N LEU A 235 -13.79 -2.12 -7.11
CA LEU A 235 -13.07 -2.06 -8.38
C LEU A 235 -14.02 -2.03 -9.57
N GLN A 236 -15.31 -2.04 -9.28
CA GLN A 236 -16.35 -1.99 -10.31
C GLN A 236 -16.45 -3.19 -11.26
N TYR A 237 -16.52 -4.38 -10.68
CA TYR A 237 -16.70 -5.62 -11.43
C TYR A 237 -17.93 -6.27 -10.81
N PRO A 238 -19.14 -5.74 -11.08
CA PRO A 238 -20.38 -6.29 -10.53
C PRO A 238 -20.76 -7.64 -11.10
N PHE A 239 -20.13 -8.70 -10.57
CA PHE A 239 -20.41 -10.06 -11.04
C PHE A 239 -21.16 -10.83 -9.96
N GLU A 240 -22.48 -10.88 -10.08
CA GLU A 240 -23.35 -11.56 -9.12
C GLU A 240 -22.91 -12.97 -8.74
N PRO A 241 -22.49 -13.79 -9.72
CA PRO A 241 -22.06 -15.15 -9.40
C PRO A 241 -20.98 -15.24 -8.31
N PHE A 242 -20.21 -14.17 -8.16
CA PHE A 242 -19.15 -14.13 -7.16
C PHE A 242 -19.59 -13.44 -5.87
N PHE A 243 -20.89 -13.26 -5.69
CA PHE A 243 -21.45 -12.63 -4.49
C PHE A 243 -22.35 -13.68 -3.83
N PRO A 244 -21.79 -14.58 -3.02
CA PRO A 244 -22.59 -15.61 -2.36
C PRO A 244 -23.65 -15.12 -1.41
N GLU A 245 -24.69 -15.93 -1.22
CA GLU A 245 -25.78 -15.59 -0.32
C GLU A 245 -25.27 -15.33 1.09
N SER A 246 -24.32 -16.15 1.53
CA SER A 246 -23.77 -16.00 2.87
C SER A 246 -23.19 -14.59 3.09
N CYS A 247 -22.63 -14.01 2.04
CA CYS A 247 -22.08 -12.66 2.15
C CYS A 247 -23.19 -11.61 2.22
N LYS A 248 -24.31 -11.89 1.57
CA LYS A 248 -25.45 -10.98 1.60
C LYS A 248 -26.00 -10.95 3.02
N ILE A 249 -26.06 -12.13 3.63
CA ILE A 249 -26.53 -12.27 5.00
C ILE A 249 -25.60 -11.49 5.92
N GLU A 250 -24.30 -11.57 5.62
CA GLU A 250 -23.32 -10.87 6.43
C GLU A 250 -23.48 -9.36 6.27
N CYS A 251 -23.72 -8.90 5.04
CA CYS A 251 -23.92 -7.47 4.81
C CYS A 251 -25.08 -6.97 5.66
N GLN A 252 -26.16 -7.75 5.68
CA GLN A 252 -27.35 -7.40 6.46
C GLN A 252 -27.01 -7.30 7.95
N LYS A 253 -26.27 -8.27 8.44
CA LYS A 253 -25.88 -8.27 9.85
C LYS A 253 -24.93 -7.13 10.19
N LEU A 254 -24.03 -6.79 9.27
CA LEU A 254 -23.06 -5.73 9.51
C LEU A 254 -23.54 -4.32 9.20
N GLY A 255 -24.69 -4.19 8.57
CA GLY A 255 -25.22 -2.88 8.25
C GLY A 255 -24.67 -2.33 6.95
N ILE A 256 -24.24 -3.23 6.06
CA ILE A 256 -23.70 -2.84 4.77
C ILE A 256 -24.83 -2.91 3.72
N ASP A 257 -25.25 -1.74 3.24
CA ASP A 257 -26.31 -1.62 2.25
C ASP A 257 -25.94 -2.35 0.96
N ILE A 258 -26.55 -3.51 0.73
CA ILE A 258 -26.26 -4.32 -0.45
C ILE A 258 -26.55 -3.60 -1.77
N GLU A 259 -27.57 -2.74 -1.78
CA GLU A 259 -27.92 -2.01 -2.99
C GLU A 259 -26.88 -0.94 -3.32
N MET A 260 -26.40 -0.23 -2.30
CA MET A 260 -25.40 0.80 -2.51
C MET A 260 -24.09 0.10 -2.91
N LEU A 261 -23.90 -1.11 -2.37
CA LEU A 261 -22.72 -1.91 -2.68
C LEU A 261 -22.72 -2.30 -4.16
N LYS A 262 -23.86 -2.79 -4.63
CA LYS A 262 -24.00 -3.23 -6.01
C LYS A 262 -23.89 -2.11 -7.05
N SER A 263 -24.00 -0.86 -6.61
CA SER A 263 -23.91 0.25 -7.55
C SER A 263 -22.74 1.15 -7.17
N PHE A 264 -21.88 0.67 -6.28
CA PHE A 264 -20.74 1.47 -5.84
C PHE A 264 -19.98 2.09 -7.02
N ASN A 265 -19.72 3.39 -6.92
CA ASN A 265 -19.01 4.15 -7.94
C ASN A 265 -17.80 4.75 -7.25
N VAL A 266 -16.63 4.15 -7.47
CA VAL A 266 -15.41 4.63 -6.83
C VAL A 266 -15.13 6.11 -7.07
N GLU A 267 -15.73 6.67 -8.11
CA GLU A 267 -15.54 8.08 -8.44
C GLU A 267 -16.36 9.00 -7.54
N LYS A 268 -17.52 8.54 -7.09
CA LYS A 268 -18.39 9.38 -6.27
C LYS A 268 -18.76 8.88 -4.88
N ASP A 269 -18.74 7.57 -4.65
CA ASP A 269 -19.14 7.04 -3.36
C ASP A 269 -18.03 6.94 -2.31
N ALA A 270 -18.42 7.16 -1.05
CA ALA A 270 -17.50 7.11 0.08
C ALA A 270 -17.24 5.67 0.48
N ILE A 271 -15.99 5.35 0.78
CA ILE A 271 -15.65 3.98 1.16
C ILE A 271 -16.34 3.60 2.47
N GLU A 272 -16.84 4.59 3.20
CA GLU A 272 -17.53 4.32 4.46
C GLU A 272 -18.81 3.52 4.22
N LEU A 273 -19.28 3.52 2.98
CA LEU A 273 -20.49 2.78 2.62
C LEU A 273 -20.20 1.29 2.52
N LEU A 274 -18.98 0.94 2.16
CA LEU A 274 -18.58 -0.45 2.02
C LEU A 274 -18.14 -1.01 3.37
N ILE A 275 -17.47 -0.18 4.17
CA ILE A 275 -17.01 -0.57 5.49
C ILE A 275 -17.45 0.47 6.51
N PRO A 276 -18.67 0.35 7.03
CA PRO A 276 -19.13 1.34 8.01
C PRO A 276 -18.15 1.46 9.17
N ARG A 277 -17.87 2.69 9.58
CA ARG A 277 -16.94 2.95 10.68
C ARG A 277 -17.26 2.16 11.95
N ARG A 278 -18.52 1.77 12.12
CA ARG A 278 -18.93 1.01 13.31
C ARG A 278 -18.20 -0.33 13.37
N ILE A 279 -17.97 -0.93 12.20
CA ILE A 279 -17.28 -2.22 12.13
C ILE A 279 -15.89 -2.14 12.74
#